data_7UVE
#
_entry.id   7UVE
#
_cell.length_a   61.269
_cell.length_b   111.134
_cell.length_c   112.149
_cell.angle_alpha   90.000
_cell.angle_beta   90.000
_cell.angle_gamma   90.000
#
_symmetry.space_group_name_H-M   'I 2 2 2'
#
loop_
_entity.id
_entity.type
_entity.pdbx_description
1 polymer 'Histone-lysine N-methyltransferase eggless'
2 polymer 'peptide H3K9me2K14ac'
3 water water
#
loop_
_entity_poly.entity_id
_entity_poly.type
_entity_poly.pdbx_seq_one_letter_code
_entity_poly.pdbx_strand_id
1 'polypeptide(L)'
;SDYVHEVPPPGEIVRPPIQLGETYYAVKNKAIASWVSIKVIEFTESTAINGNTMKSYKIRYLNTPYQMIKTVTAKHIAYF
EPPPVRLTIGTRVIAYFDGTTLSRGKDKGVVQSAFYPGIIAEPLKQANRYRYLIFYDDGYTQYVPHRDVRLVCQASEKVW
EDVHAASRDFIQKYVEKYSVDRPMVQCTRGQSMTTESNGTWLYARVIDIDCSLVLMQFEGDKNHTEWIYRGSLRLGPVFR
ETQNNMNSSSAQQLRVP
;
A
2 'polypeptide(L)' TKQTAR(MLZ)STGG(ALY)APRKQ B
#
# COMPACT_ATOMS: atom_id res chain seq x y z
N GLU A 6 19.69 -8.74 0.59
CA GLU A 6 19.49 -9.50 -0.65
C GLU A 6 17.97 -9.69 -0.94
N VAL A 7 17.63 -10.71 -1.76
CA VAL A 7 16.26 -11.11 -2.08
C VAL A 7 15.94 -12.22 -1.06
N PRO A 8 14.93 -12.05 -0.16
CA PRO A 8 14.63 -13.11 0.80
C PRO A 8 14.04 -14.32 0.08
N PRO A 9 14.16 -15.54 0.61
CA PRO A 9 13.62 -16.69 -0.12
C PRO A 9 12.12 -16.79 0.10
N PRO A 10 11.38 -17.62 -0.68
CA PRO A 10 9.97 -17.87 -0.36
C PRO A 10 9.88 -18.67 0.96
N GLY A 11 8.67 -18.83 1.45
CA GLY A 11 8.41 -19.58 2.65
C GLY A 11 7.16 -19.14 3.36
N GLU A 12 7.06 -19.53 4.62
CA GLU A 12 5.94 -19.21 5.49
C GLU A 12 5.96 -17.78 5.95
N ILE A 13 4.85 -17.05 5.71
CA ILE A 13 4.67 -15.67 6.15
C ILE A 13 3.98 -15.79 7.49
N VAL A 14 4.78 -15.69 8.55
CA VAL A 14 4.37 -15.84 9.94
C VAL A 14 4.06 -14.50 10.58
N ARG A 15 3.02 -14.52 11.44
CA ARG A 15 2.52 -13.43 12.26
C ARG A 15 2.60 -13.85 13.73
N PRO A 16 3.78 -13.71 14.40
CA PRO A 16 3.86 -14.08 15.81
C PRO A 16 3.03 -13.16 16.70
N PRO A 17 2.56 -13.64 17.87
CA PRO A 17 1.80 -12.76 18.75
C PRO A 17 2.60 -11.54 19.18
N ILE A 18 1.90 -10.41 19.35
CA ILE A 18 2.45 -9.15 19.83
C ILE A 18 2.87 -9.40 21.29
N GLN A 19 4.10 -8.98 21.65
CA GLN A 19 4.72 -9.14 22.97
C GLN A 19 4.73 -7.82 23.74
N LEU A 20 4.54 -7.91 25.07
CA LEU A 20 4.58 -6.77 25.99
C LEU A 20 6.02 -6.27 26.13
N GLY A 21 6.21 -4.95 26.05
CA GLY A 21 7.52 -4.30 26.12
C GLY A 21 8.29 -4.24 24.82
N GLU A 22 7.77 -4.88 23.74
CA GLU A 22 8.47 -4.90 22.46
C GLU A 22 8.06 -3.72 21.53
N THR A 23 8.98 -3.33 20.62
CA THR A 23 8.87 -2.24 19.65
C THR A 23 8.19 -2.71 18.35
N TYR A 24 7.25 -1.90 17.84
CA TYR A 24 6.47 -2.12 16.63
C TYR A 24 6.21 -0.78 15.97
N TYR A 25 5.46 -0.77 14.86
CA TYR A 25 4.93 0.44 14.21
C TYR A 25 3.43 0.43 14.41
N ALA A 26 2.82 1.60 14.48
CA ALA A 26 1.38 1.73 14.63
C ALA A 26 0.96 3.07 14.10
N VAL A 27 -0.32 3.15 13.70
CA VAL A 27 -1.04 4.33 13.23
C VAL A 27 -0.77 5.48 14.23
N LYS A 28 -0.20 6.60 13.74
CA LYS A 28 0.11 7.81 14.51
C LYS A 28 -1.21 8.50 14.91
N ASN A 29 -2.04 8.82 13.91
CA ASN A 29 -3.37 9.42 14.09
C ASN A 29 -4.36 8.80 13.11
N LYS A 30 -4.31 9.21 11.84
CA LYS A 30 -5.17 8.68 10.77
C LYS A 30 -4.58 7.36 10.26
N ALA A 31 -5.44 6.33 10.12
CA ALA A 31 -5.10 5.00 9.63
C ALA A 31 -4.41 4.96 8.25
N ILE A 32 -4.80 5.84 7.28
CA ILE A 32 -4.16 5.82 5.95
C ILE A 32 -2.87 6.65 5.92
N ALA A 33 -2.58 7.37 7.03
CA ALA A 33 -1.38 8.22 7.16
C ALA A 33 -0.19 7.43 7.76
N SER A 34 0.85 8.14 8.23
CA SER A 34 2.10 7.56 8.72
C SER A 34 1.94 6.60 9.92
N TRP A 35 2.79 5.56 9.96
CA TRP A 35 2.90 4.60 11.08
C TRP A 35 4.27 4.82 11.67
N VAL A 36 4.33 4.91 13.00
CA VAL A 36 5.53 5.29 13.75
C VAL A 36 5.86 4.30 14.88
N SER A 37 7.09 4.42 15.45
CA SER A 37 7.59 3.58 16.55
C SER A 37 6.70 3.64 17.79
N ILE A 38 6.40 2.47 18.38
CA ILE A 38 5.58 2.36 19.59
C ILE A 38 6.09 1.19 20.44
N LYS A 39 5.73 1.19 21.73
CA LYS A 39 5.99 0.10 22.66
C LYS A 39 4.61 -0.40 23.13
N VAL A 40 4.40 -1.72 23.14
CA VAL A 40 3.16 -2.33 23.62
C VAL A 40 3.31 -2.40 25.14
N ILE A 41 2.47 -1.65 25.86
CA ILE A 41 2.55 -1.51 27.32
C ILE A 41 1.44 -2.25 28.06
N GLU A 42 0.35 -2.62 27.37
CA GLU A 42 -0.77 -3.34 27.98
C GLU A 42 -1.51 -4.15 26.94
N PHE A 43 -1.90 -5.37 27.32
CA PHE A 43 -2.67 -6.27 26.46
C PHE A 43 -4.06 -6.41 27.02
N THR A 44 -5.10 -6.13 26.21
CA THR A 44 -6.50 -6.29 26.61
C THR A 44 -7.15 -7.42 25.79
N GLU A 45 -7.91 -8.27 26.45
CA GLU A 45 -8.60 -9.40 25.84
C GLU A 45 -10.03 -9.41 26.37
N SER A 46 -11.04 -9.45 25.47
CA SER A 46 -12.45 -9.45 25.85
C SER A 46 -13.17 -10.63 25.21
N THR A 47 -13.90 -11.41 26.00
CA THR A 47 -14.61 -12.62 25.56
C THR A 47 -16.10 -12.49 25.85
N ALA A 48 -16.94 -12.84 24.87
CA ALA A 48 -18.40 -12.78 24.97
C ALA A 48 -19.02 -14.17 25.16
N ILE A 49 -20.33 -14.22 25.46
CA ILE A 49 -21.12 -15.44 25.65
C ILE A 49 -20.98 -16.37 24.42
N ASN A 50 -20.94 -15.78 23.19
CA ASN A 50 -20.79 -16.50 21.92
C ASN A 50 -19.46 -17.29 21.83
N GLY A 51 -18.33 -16.61 22.03
CA GLY A 51 -17.03 -17.27 22.03
C GLY A 51 -15.86 -16.40 21.62
N ASN A 52 -16.10 -15.45 20.69
CA ASN A 52 -15.11 -14.55 20.13
C ASN A 52 -14.29 -13.81 21.20
N THR A 53 -12.97 -14.04 21.19
CA THR A 53 -12.01 -13.41 22.11
C THR A 53 -11.32 -12.27 21.36
N MET A 54 -11.89 -11.04 21.47
CA MET A 54 -11.41 -9.81 20.80
C MET A 54 -10.23 -9.15 21.53
N LYS A 55 -9.06 -9.07 20.87
CA LYS A 55 -7.82 -8.52 21.40
C LYS A 55 -7.60 -7.03 21.08
N SER A 56 -7.08 -6.27 22.07
CA SER A 56 -6.78 -4.84 22.00
C SER A 56 -5.40 -4.62 22.60
N TYR A 57 -4.74 -3.50 22.26
CA TYR A 57 -3.39 -3.23 22.74
C TYR A 57 -3.21 -1.78 23.09
N LYS A 58 -2.67 -1.54 24.29
CA LYS A 58 -2.37 -0.19 24.77
C LYS A 58 -0.94 0.09 24.32
N ILE A 59 -0.79 1.14 23.51
CA ILE A 59 0.51 1.48 22.93
C ILE A 59 1.03 2.84 23.42
N ARG A 60 2.34 2.93 23.69
CA ARG A 60 3.05 4.16 24.03
C ARG A 60 3.92 4.53 22.84
N TYR A 61 3.66 5.70 22.25
CA TYR A 61 4.44 6.26 21.15
C TYR A 61 5.82 6.60 21.68
N LEU A 62 6.85 6.14 20.96
CA LEU A 62 8.23 6.38 21.37
C LEU A 62 8.69 7.70 20.80
N ASN A 63 9.71 8.31 21.43
CA ASN A 63 10.32 9.56 20.98
C ASN A 63 9.26 10.67 20.79
N THR A 64 8.72 11.11 21.92
CA THR A 64 7.61 12.06 22.01
C THR A 64 7.90 13.21 23.01
N PRO A 65 7.28 14.42 22.87
CA PRO A 65 7.53 15.51 23.84
C PRO A 65 6.91 15.31 25.23
N TYR A 66 5.92 14.42 25.34
CA TYR A 66 5.19 14.06 26.57
C TYR A 66 4.45 12.75 26.28
N GLN A 67 4.01 12.03 27.33
CA GLN A 67 3.33 10.73 27.22
C GLN A 67 2.09 10.77 26.32
N MET A 68 2.09 9.89 25.30
CA MET A 68 1.04 9.70 24.32
C MET A 68 0.74 8.21 24.25
N ILE A 69 -0.46 7.83 24.73
CA ILE A 69 -0.97 6.46 24.85
C ILE A 69 -2.24 6.35 24.00
N LYS A 70 -2.47 5.19 23.38
CA LYS A 70 -3.64 4.91 22.56
C LYS A 70 -4.01 3.43 22.68
N THR A 71 -5.28 3.09 22.42
CA THR A 71 -5.78 1.71 22.37
C THR A 71 -6.12 1.41 20.89
N VAL A 72 -5.45 0.41 20.30
CA VAL A 72 -5.62 0.03 18.89
C VAL A 72 -5.74 -1.50 18.71
N THR A 73 -6.19 -1.96 17.53
CA THR A 73 -6.26 -3.39 17.21
C THR A 73 -4.94 -3.80 16.54
N ALA A 74 -4.68 -5.13 16.41
CA ALA A 74 -3.49 -5.70 15.76
C ALA A 74 -3.40 -5.32 14.25
N LYS A 75 -4.56 -4.96 13.64
CA LYS A 75 -4.69 -4.46 12.26
C LYS A 75 -4.08 -3.06 12.09
N HIS A 76 -3.80 -2.38 13.20
CA HIS A 76 -3.22 -1.04 13.22
C HIS A 76 -1.81 -1.01 13.84
N ILE A 77 -1.14 -2.16 13.85
CA ILE A 77 0.22 -2.41 14.36
C ILE A 77 0.95 -3.24 13.29
N ALA A 78 2.28 -3.01 13.12
CA ALA A 78 3.13 -3.73 12.17
C ALA A 78 4.44 -4.09 12.84
N TYR A 79 5.09 -5.21 12.42
CA TYR A 79 6.35 -5.67 13.01
C TYR A 79 7.46 -4.67 12.76
N PHE A 80 8.44 -4.59 13.67
CA PHE A 80 9.54 -3.64 13.56
C PHE A 80 10.56 -3.98 12.48
N GLU A 81 10.78 -5.30 12.28
CA GLU A 81 11.75 -5.80 11.30
C GLU A 81 11.08 -6.29 10.03
N PRO A 82 11.79 -6.18 8.86
CA PRO A 82 11.22 -6.72 7.60
C PRO A 82 11.08 -8.23 7.70
N PRO A 83 10.12 -8.88 6.98
CA PRO A 83 9.96 -10.34 7.15
C PRO A 83 11.20 -11.15 6.68
N PRO A 84 11.40 -12.41 7.15
CA PRO A 84 12.57 -13.18 6.70
C PRO A 84 12.32 -13.91 5.37
N VAL A 85 11.12 -13.75 4.81
CA VAL A 85 10.70 -14.38 3.54
C VAL A 85 10.10 -13.32 2.62
N ARG A 86 10.11 -13.60 1.31
CA ARG A 86 9.50 -12.73 0.31
C ARG A 86 7.93 -12.76 0.45
N LEU A 87 7.29 -11.63 0.18
CA LEU A 87 5.84 -11.50 0.31
C LEU A 87 5.19 -11.57 -1.04
N THR A 88 3.91 -11.96 -1.05
CA THR A 88 3.15 -12.16 -2.27
C THR A 88 1.98 -11.17 -2.41
N ILE A 89 1.30 -11.18 -3.57
CA ILE A 89 0.16 -10.33 -3.92
C ILE A 89 -0.99 -10.46 -2.89
N GLY A 90 -1.45 -9.31 -2.41
CA GLY A 90 -2.53 -9.21 -1.45
C GLY A 90 -2.09 -9.05 -0.01
N THR A 91 -0.79 -9.22 0.24
CA THR A 91 -0.23 -9.06 1.57
C THR A 91 -0.34 -7.62 2.04
N ARG A 92 -0.90 -7.43 3.25
CA ARG A 92 -1.11 -6.16 3.92
C ARG A 92 0.20 -5.76 4.62
N VAL A 93 0.74 -4.62 4.22
CA VAL A 93 2.01 -4.09 4.72
C VAL A 93 1.96 -2.61 4.97
N ILE A 94 3.04 -2.14 5.57
CA ILE A 94 3.43 -0.75 5.64
C ILE A 94 4.71 -0.69 4.81
N ALA A 95 4.79 0.27 3.90
CA ALA A 95 5.97 0.38 3.07
C ALA A 95 6.54 1.77 3.24
N TYR A 96 7.86 1.86 3.38
CA TYR A 96 8.55 3.13 3.57
C TYR A 96 8.56 3.99 2.29
N PHE A 97 7.88 5.14 2.36
CA PHE A 97 7.83 6.14 1.28
C PHE A 97 8.85 7.24 1.61
N ASP A 98 9.85 7.45 0.74
CA ASP A 98 10.87 8.51 0.93
C ASP A 98 10.49 9.73 0.08
N GLY A 99 10.18 9.49 -1.20
CA GLY A 99 9.74 10.48 -2.17
C GLY A 99 10.77 11.53 -2.55
N THR A 100 11.97 11.08 -2.98
CA THR A 100 13.11 11.90 -3.42
C THR A 100 13.56 12.90 -2.33
N GLN A 112 7.79 14.70 3.46
CA GLN A 112 7.89 13.80 4.60
C GLN A 112 8.14 12.32 4.21
N SER A 113 9.17 11.70 4.82
CA SER A 113 9.56 10.31 4.60
C SER A 113 9.09 9.46 5.79
N ALA A 114 8.20 8.46 5.52
CA ALA A 114 7.59 7.61 6.55
C ALA A 114 6.93 6.33 6.00
N PHE A 115 6.51 5.45 6.92
CA PHE A 115 5.80 4.20 6.65
C PHE A 115 4.32 4.45 6.49
N TYR A 116 3.74 4.03 5.37
CA TYR A 116 2.30 4.18 5.08
C TYR A 116 1.68 2.82 4.75
N PRO A 117 0.38 2.57 5.07
CA PRO A 117 -0.21 1.26 4.77
C PRO A 117 -0.49 1.04 3.29
N GLY A 118 -0.37 -0.22 2.89
CA GLY A 118 -0.61 -0.62 1.52
C GLY A 118 -0.77 -2.11 1.36
N ILE A 119 -0.80 -2.51 0.10
CA ILE A 119 -0.97 -3.87 -0.34
C ILE A 119 0.18 -4.18 -1.30
N ILE A 120 0.79 -5.38 -1.18
CA ILE A 120 1.80 -5.86 -2.15
C ILE A 120 0.99 -6.14 -3.44
N ALA A 121 1.27 -5.40 -4.51
CA ALA A 121 0.61 -5.54 -5.81
C ALA A 121 1.39 -6.48 -6.73
N GLU A 122 2.71 -6.53 -6.59
CA GLU A 122 3.57 -7.44 -7.35
C GLU A 122 4.60 -8.06 -6.42
N PRO A 123 4.97 -9.36 -6.64
CA PRO A 123 6.01 -9.98 -5.79
C PRO A 123 7.40 -9.53 -6.27
N LEU A 124 8.48 -9.96 -5.59
CA LEU A 124 9.85 -9.64 -6.02
C LEU A 124 10.22 -10.50 -7.23
N LYS A 125 10.68 -9.88 -8.32
CA LYS A 125 11.06 -10.66 -9.51
C LYS A 125 11.99 -9.92 -10.43
N GLN A 126 12.68 -10.66 -11.33
CA GLN A 126 13.59 -10.14 -12.33
C GLN A 126 12.92 -9.03 -13.13
N ALA A 127 11.71 -9.29 -13.66
CA ALA A 127 10.90 -8.34 -14.45
C ALA A 127 10.70 -6.98 -13.79
N ASN A 128 10.81 -6.91 -12.45
CA ASN A 128 10.63 -5.65 -11.72
C ASN A 128 11.86 -5.27 -10.88
N ARG A 129 13.05 -5.91 -11.15
CA ARG A 129 14.32 -5.69 -10.45
C ARG A 129 14.24 -6.01 -8.94
N TYR A 130 13.42 -7.02 -8.60
CA TYR A 130 13.18 -7.55 -7.27
C TYR A 130 12.76 -6.46 -6.33
N ARG A 131 11.68 -5.79 -6.71
CA ARG A 131 11.09 -4.72 -5.92
C ARG A 131 9.62 -5.02 -5.81
N TYR A 132 9.03 -4.74 -4.66
CA TYR A 132 7.59 -4.89 -4.51
C TYR A 132 6.92 -3.69 -5.14
N LEU A 133 5.82 -3.93 -5.88
CA LEU A 133 4.97 -2.88 -6.34
C LEU A 133 3.97 -2.70 -5.20
N ILE A 134 3.88 -1.48 -4.69
CA ILE A 134 2.98 -1.11 -3.59
C ILE A 134 1.82 -0.31 -4.12
N PHE A 135 0.62 -0.62 -3.62
CA PHE A 135 -0.59 0.18 -3.86
C PHE A 135 -0.92 0.68 -2.47
N TYR A 136 -0.53 1.93 -2.16
CA TYR A 136 -0.79 2.55 -0.88
C TYR A 136 -2.28 2.81 -0.73
N ASP A 137 -2.78 2.84 0.54
CA ASP A 137 -4.17 3.08 0.91
C ASP A 137 -4.70 4.43 0.43
N ASP A 138 -3.83 5.45 0.40
CA ASP A 138 -4.12 6.82 -0.06
C ASP A 138 -4.19 6.95 -1.62
N GLY A 139 -3.92 5.84 -2.34
CA GLY A 139 -3.94 5.79 -3.80
C GLY A 139 -2.59 5.98 -4.48
N TYR A 140 -1.55 6.27 -3.70
CA TYR A 140 -0.20 6.43 -4.25
C TYR A 140 0.40 5.02 -4.60
N THR A 141 1.32 4.96 -5.56
CA THR A 141 1.95 3.71 -5.96
C THR A 141 3.44 3.89 -6.17
N GLN A 142 4.22 2.91 -5.75
CA GLN A 142 5.67 2.99 -5.85
C GLN A 142 6.28 1.58 -5.79
N TYR A 143 7.49 1.45 -6.35
CA TYR A 143 8.34 0.27 -6.25
C TYR A 143 9.24 0.45 -5.01
N VAL A 144 9.20 -0.52 -4.08
CA VAL A 144 10.01 -0.43 -2.86
C VAL A 144 10.82 -1.75 -2.66
N PRO A 145 12.11 -1.70 -2.19
CA PRO A 145 12.84 -2.95 -1.92
C PRO A 145 12.29 -3.65 -0.68
N HIS A 146 12.56 -4.99 -0.52
CA HIS A 146 12.09 -5.83 0.59
C HIS A 146 12.39 -5.22 1.98
N ARG A 147 13.59 -4.65 2.16
CA ARG A 147 14.04 -4.02 3.40
C ARG A 147 13.17 -2.82 3.82
N ASP A 148 12.39 -2.22 2.88
CA ASP A 148 11.53 -1.06 3.19
C ASP A 148 10.06 -1.45 3.46
N VAL A 149 9.74 -2.76 3.65
CA VAL A 149 8.38 -3.20 3.99
C VAL A 149 8.34 -3.86 5.40
N ARG A 150 7.18 -3.74 6.09
CA ARG A 150 6.89 -4.38 7.37
C ARG A 150 5.50 -5.02 7.26
N LEU A 151 5.37 -6.25 7.74
CA LEU A 151 4.09 -6.94 7.72
C LEU A 151 3.16 -6.41 8.83
N VAL A 152 1.88 -6.18 8.48
CA VAL A 152 0.86 -5.76 9.44
C VAL A 152 0.53 -6.98 10.32
N CYS A 153 0.43 -6.77 11.66
CA CYS A 153 0.31 -7.85 12.66
C CYS A 153 -0.94 -8.75 12.54
N GLN A 154 -2.01 -8.27 11.91
CA GLN A 154 -3.23 -9.04 11.63
C GLN A 154 -3.86 -8.50 10.35
N ALA A 155 -4.56 -9.37 9.62
CA ALA A 155 -5.29 -9.02 8.41
C ALA A 155 -6.56 -9.83 8.28
N SER A 156 -7.56 -9.28 7.57
CA SER A 156 -8.83 -9.93 7.26
C SER A 156 -8.57 -10.89 6.11
N GLU A 157 -9.41 -11.95 5.99
CA GLU A 157 -9.32 -12.94 4.91
C GLU A 157 -9.54 -12.23 3.59
N LYS A 158 -10.40 -11.18 3.64
CA LYS A 158 -10.74 -10.27 2.54
C LYS A 158 -9.94 -9.00 2.82
N VAL A 159 -8.68 -8.94 2.35
CA VAL A 159 -7.71 -7.88 2.67
C VAL A 159 -8.17 -6.43 2.30
N TRP A 160 -8.98 -6.25 1.25
CA TRP A 160 -9.50 -4.92 0.88
C TRP A 160 -10.38 -4.31 2.00
N GLU A 161 -10.95 -5.18 2.90
CA GLU A 161 -11.79 -4.74 4.04
C GLU A 161 -10.99 -3.94 5.07
N ASP A 162 -9.65 -4.10 5.06
CA ASP A 162 -8.70 -3.41 5.95
C ASP A 162 -8.22 -2.09 5.34
N VAL A 163 -8.38 -1.94 4.00
CA VAL A 163 -7.95 -0.76 3.23
C VAL A 163 -8.93 0.43 3.40
N HIS A 164 -8.37 1.66 3.56
CA HIS A 164 -9.13 2.91 3.69
C HIS A 164 -10.21 2.81 2.60
N ALA A 165 -11.44 3.26 2.93
CA ALA A 165 -12.64 3.30 2.07
C ALA A 165 -12.46 3.95 0.68
N ALA A 166 -11.37 4.73 0.50
CA ALA A 166 -10.96 5.45 -0.72
C ALA A 166 -10.48 4.51 -1.84
N SER A 167 -9.57 3.59 -1.50
CA SER A 167 -8.98 2.66 -2.47
C SER A 167 -9.55 1.24 -2.38
N ARG A 168 -10.52 1.03 -1.47
CA ARG A 168 -11.17 -0.26 -1.17
C ARG A 168 -11.69 -1.02 -2.41
N ASP A 169 -12.51 -0.36 -3.25
CA ASP A 169 -13.13 -0.95 -4.43
C ASP A 169 -12.12 -1.32 -5.50
N PHE A 170 -11.04 -0.49 -5.65
CA PHE A 170 -9.95 -0.74 -6.57
C PHE A 170 -9.16 -2.03 -6.16
N ILE A 171 -8.75 -2.12 -4.88
CA ILE A 171 -8.01 -3.24 -4.27
C ILE A 171 -8.82 -4.53 -4.39
N GLN A 172 -10.13 -4.46 -4.14
CA GLN A 172 -11.04 -5.58 -4.26
C GLN A 172 -11.06 -6.14 -5.69
N LYS A 173 -11.21 -5.29 -6.72
CA LYS A 173 -11.19 -5.76 -8.11
C LYS A 173 -9.80 -6.29 -8.47
N TYR A 174 -8.74 -5.58 -8.03
CA TYR A 174 -7.37 -5.95 -8.34
C TYR A 174 -6.99 -7.33 -7.74
N VAL A 175 -7.36 -7.58 -6.47
CA VAL A 175 -7.07 -8.79 -5.69
C VAL A 175 -8.10 -9.89 -5.96
N GLU A 176 -9.39 -9.68 -5.57
CA GLU A 176 -10.48 -10.64 -5.70
C GLU A 176 -10.77 -11.12 -7.12
N LYS A 177 -10.63 -10.22 -8.10
CA LYS A 177 -10.88 -10.54 -9.51
C LYS A 177 -9.57 -10.45 -10.30
N TYR A 178 -8.45 -10.74 -9.62
CA TYR A 178 -7.08 -10.71 -10.13
C TYR A 178 -6.95 -11.53 -11.39
N SER A 179 -6.27 -10.98 -12.38
CA SER A 179 -5.97 -11.64 -13.64
C SER A 179 -4.65 -11.08 -14.12
N VAL A 180 -3.77 -11.97 -14.57
CA VAL A 180 -2.48 -11.57 -15.11
C VAL A 180 -2.68 -11.00 -16.56
N ASP A 181 -3.90 -11.20 -17.12
CA ASP A 181 -4.32 -10.77 -18.45
C ASP A 181 -5.21 -9.54 -18.38
N ARG A 182 -5.13 -8.78 -17.28
CA ARG A 182 -5.90 -7.55 -17.11
C ARG A 182 -5.34 -6.51 -18.09
N PRO A 183 -6.18 -5.61 -18.64
CA PRO A 183 -5.65 -4.59 -19.56
C PRO A 183 -4.55 -3.75 -18.88
N MET A 184 -3.39 -3.66 -19.55
CA MET A 184 -2.22 -2.84 -19.18
C MET A 184 -1.95 -1.99 -20.40
N VAL A 185 -1.72 -0.69 -20.21
CA VAL A 185 -1.42 0.16 -21.37
C VAL A 185 0.01 -0.08 -21.84
N GLN A 186 0.18 -0.21 -23.16
CA GLN A 186 1.51 -0.34 -23.77
C GLN A 186 1.85 1.09 -24.21
N CYS A 187 2.98 1.65 -23.72
CA CYS A 187 3.35 3.02 -24.06
C CYS A 187 4.84 3.22 -24.29
N THR A 188 5.17 4.39 -24.87
CA THR A 188 6.50 4.90 -25.20
C THR A 188 6.49 6.39 -24.81
N ARG A 189 7.64 6.92 -24.33
N ARG A 189 7.63 6.93 -24.33
CA ARG A 189 7.82 8.34 -23.96
CA ARG A 189 7.82 8.34 -23.95
C ARG A 189 7.46 9.25 -25.13
C ARG A 189 7.47 9.25 -25.13
N GLY A 190 6.58 10.23 -24.87
CA GLY A 190 6.13 11.18 -25.89
C GLY A 190 4.71 10.98 -26.37
N GLN A 191 4.08 9.88 -25.94
CA GLN A 191 2.69 9.59 -26.29
C GLN A 191 1.83 10.35 -25.32
N SER A 192 0.64 10.76 -25.75
CA SER A 192 -0.33 11.43 -24.90
C SER A 192 -1.57 10.58 -24.73
N MET A 193 -2.16 10.65 -23.52
CA MET A 193 -3.36 9.95 -23.15
C MET A 193 -4.21 10.87 -22.31
N THR A 194 -5.52 10.63 -22.29
CA THR A 194 -6.41 11.34 -21.37
C THR A 194 -6.19 10.63 -20.01
N THR A 195 -5.88 11.44 -18.98
CA THR A 195 -5.58 10.95 -17.65
C THR A 195 -6.39 11.67 -16.58
N GLU A 196 -7.03 10.90 -15.69
CA GLU A 196 -7.83 11.42 -14.58
C GLU A 196 -6.94 11.84 -13.40
N SER A 197 -7.17 13.07 -12.89
CA SER A 197 -6.50 13.61 -11.71
C SER A 197 -7.51 14.36 -10.88
N ASN A 198 -7.83 13.79 -9.70
CA ASN A 198 -8.77 14.31 -8.69
C ASN A 198 -10.11 14.78 -9.30
N GLY A 199 -10.78 13.84 -9.99
CA GLY A 199 -12.07 14.07 -10.62
C GLY A 199 -12.05 14.62 -12.03
N THR A 200 -10.92 15.23 -12.48
CA THR A 200 -10.84 15.84 -13.81
C THR A 200 -10.06 14.97 -14.81
N TRP A 201 -10.59 14.80 -16.03
CA TRP A 201 -9.92 14.06 -17.09
C TRP A 201 -9.09 15.08 -17.86
N LEU A 202 -7.76 14.99 -17.73
CA LEU A 202 -6.83 15.95 -18.35
C LEU A 202 -5.94 15.31 -19.44
N TYR A 203 -5.24 16.13 -20.21
CA TYR A 203 -4.29 15.70 -21.22
C TYR A 203 -3.00 15.43 -20.46
N ALA A 204 -2.37 14.27 -20.72
CA ALA A 204 -1.11 13.92 -20.08
C ALA A 204 -0.18 13.21 -21.06
N ARG A 205 1.13 13.46 -20.93
CA ARG A 205 2.18 12.88 -21.77
C ARG A 205 3.08 11.93 -20.95
N VAL A 206 3.48 10.78 -21.56
CA VAL A 206 4.37 9.77 -20.97
C VAL A 206 5.79 10.40 -20.93
N ILE A 207 6.38 10.51 -19.73
CA ILE A 207 7.68 11.13 -19.46
C ILE A 207 8.74 10.07 -19.15
N ASP A 208 8.35 8.98 -18.48
CA ASP A 208 9.22 7.90 -18.06
C ASP A 208 8.37 6.66 -17.85
N ILE A 209 8.99 5.47 -17.86
CA ILE A 209 8.35 4.19 -17.68
C ILE A 209 9.22 3.40 -16.70
N ASP A 210 8.60 2.70 -15.73
CA ASP A 210 9.28 1.84 -14.75
C ASP A 210 8.44 0.61 -14.55
N CYS A 211 8.70 -0.38 -15.39
CA CYS A 211 8.02 -1.67 -15.39
C CYS A 211 6.49 -1.48 -15.51
N SER A 212 5.74 -1.66 -14.40
CA SER A 212 4.29 -1.55 -14.39
C SER A 212 3.82 -0.15 -14.13
N LEU A 213 4.77 0.79 -13.95
CA LEU A 213 4.43 2.19 -13.73
C LEU A 213 4.78 3.05 -14.92
N VAL A 214 4.00 4.12 -15.11
CA VAL A 214 4.21 5.09 -16.18
C VAL A 214 4.18 6.49 -15.55
N LEU A 215 5.19 7.32 -15.84
CA LEU A 215 5.23 8.70 -15.33
C LEU A 215 4.51 9.66 -16.28
N MET A 216 3.36 10.15 -15.87
CA MET A 216 2.53 11.06 -16.68
C MET A 216 2.73 12.50 -16.23
N GLN A 217 2.83 13.42 -17.21
CA GLN A 217 2.91 14.87 -17.00
C GLN A 217 1.68 15.49 -17.64
N PHE A 218 0.82 16.04 -16.78
CA PHE A 218 -0.43 16.72 -17.15
C PHE A 218 -0.13 18.03 -17.82
N GLU A 219 -0.79 18.28 -18.97
CA GLU A 219 -0.65 19.46 -19.84
C GLU A 219 -0.62 20.81 -19.14
N GLY A 220 -1.35 20.92 -18.02
CA GLY A 220 -1.44 22.16 -17.25
C GLY A 220 -0.13 22.63 -16.63
N ASP A 221 0.51 21.73 -15.86
CA ASP A 221 1.77 22.03 -15.17
C ASP A 221 2.84 20.94 -15.41
N LYS A 222 4.07 21.38 -15.78
CA LYS A 222 5.24 20.51 -16.00
C LYS A 222 5.80 19.97 -14.67
N ASN A 223 5.43 20.63 -13.54
CA ASN A 223 5.78 20.23 -12.17
C ASN A 223 4.71 19.27 -11.62
N HIS A 224 3.58 19.11 -12.38
CA HIS A 224 2.50 18.18 -12.06
C HIS A 224 2.76 16.88 -12.84
N THR A 225 3.54 15.99 -12.20
CA THR A 225 3.90 14.66 -12.71
C THR A 225 3.47 13.63 -11.67
N GLU A 226 3.10 12.43 -12.14
CA GLU A 226 2.63 11.36 -11.29
C GLU A 226 2.90 10.00 -11.90
N TRP A 227 3.37 9.06 -11.05
CA TRP A 227 3.62 7.68 -11.41
C TRP A 227 2.28 6.95 -11.27
N ILE A 228 1.77 6.43 -12.38
CA ILE A 228 0.46 5.77 -12.43
C ILE A 228 0.61 4.31 -12.88
N TYR A 229 -0.18 3.45 -12.28
CA TYR A 229 -0.20 2.04 -12.59
C TYR A 229 -0.72 1.89 -14.02
N ARG A 230 0.03 1.21 -14.85
CA ARG A 230 -0.31 1.03 -16.28
C ARG A 230 -1.62 0.26 -16.54
N GLY A 231 -2.19 -0.34 -15.49
CA GLY A 231 -3.47 -1.06 -15.53
C GLY A 231 -4.59 -0.24 -14.93
N SER A 232 -4.29 0.97 -14.42
CA SER A 232 -5.27 1.88 -13.80
C SER A 232 -6.29 2.45 -14.79
N LEU A 233 -7.57 2.54 -14.39
CA LEU A 233 -8.64 3.12 -15.21
C LEU A 233 -8.55 4.66 -15.31
N ARG A 234 -7.55 5.27 -14.61
CA ARG A 234 -7.26 6.71 -14.66
C ARG A 234 -6.57 7.07 -15.97
N LEU A 235 -6.18 6.05 -16.76
CA LEU A 235 -5.63 6.25 -18.10
C LEU A 235 -6.74 5.86 -19.06
N GLY A 236 -7.20 6.85 -19.85
CA GLY A 236 -8.24 6.74 -20.88
C GLY A 236 -8.16 5.46 -21.72
N PRO A 237 -6.99 5.11 -22.31
CA PRO A 237 -6.92 3.86 -23.12
C PRO A 237 -7.24 2.58 -22.37
N VAL A 238 -6.89 2.52 -21.08
CA VAL A 238 -7.16 1.40 -20.20
C VAL A 238 -8.67 1.32 -19.98
N PHE A 239 -9.27 2.48 -19.64
CA PHE A 239 -10.70 2.63 -19.44
C PHE A 239 -11.45 2.24 -20.73
N ARG A 240 -10.95 2.66 -21.91
CA ARG A 240 -11.51 2.31 -23.22
C ARG A 240 -11.46 0.80 -23.47
N GLU A 241 -10.28 0.15 -23.24
CA GLU A 241 -10.03 -1.29 -23.43
C GLU A 241 -10.92 -2.15 -22.51
N THR A 242 -11.21 -1.64 -21.29
CA THR A 242 -12.03 -2.29 -20.26
C THR A 242 -13.53 -2.26 -20.64
N GLN A 243 -13.99 -1.14 -21.24
CA GLN A 243 -15.39 -0.97 -21.68
C GLN A 243 -15.74 -1.95 -22.83
N ASN A 244 -14.80 -2.11 -23.81
CA ASN A 244 -14.92 -3.01 -24.95
C ASN A 244 -14.88 -4.50 -24.52
N ASN A 245 -14.40 -4.76 -23.26
CA ASN A 245 -14.22 -6.05 -22.59
C ASN A 245 -13.05 -6.86 -23.17
N SER B 8 0.67 14.15 -2.55
CA SER B 8 -0.37 14.37 -3.56
C SER B 8 -0.57 13.12 -4.44
N THR B 9 -1.86 12.77 -4.71
CA THR B 9 -2.27 11.61 -5.52
C THR B 9 -3.73 11.72 -6.01
N GLY B 10 -3.97 11.25 -7.25
CA GLY B 10 -5.29 11.22 -7.88
C GLY B 10 -6.04 9.90 -7.70
N GLY B 11 -5.46 9.01 -6.89
CA GLY B 11 -6.00 7.68 -6.59
C GLY B 11 -5.44 6.56 -7.46
OH ALY B 12 -1.92 4.24 -10.19
CH ALY B 12 -1.87 4.76 -9.09
CH3 ALY B 12 -1.40 6.18 -8.90
NZ ALY B 12 -2.19 4.10 -7.97
CE ALY B 12 -2.58 2.69 -7.97
CD ALY B 12 -3.41 2.31 -6.76
CG ALY B 12 -4.73 3.04 -6.46
CB ALY B 12 -5.79 3.02 -7.57
CA ALY B 12 -5.87 4.32 -8.42
N ALY B 12 -6.23 5.50 -7.63
C ALY B 12 -6.93 4.07 -9.50
O ALY B 12 -6.71 3.30 -10.44
N ALA B 13 -8.11 4.73 -9.32
CA ALA B 13 -9.31 4.65 -10.17
C ALA B 13 -9.96 6.07 -10.36
N PRO B 14 -10.79 6.30 -11.42
CA PRO B 14 -11.40 7.64 -11.59
C PRO B 14 -12.40 8.03 -10.48
#